data_8S6S
#
_entry.id   8S6S
#
_cell.length_a   46.267
_cell.length_b   73.129
_cell.length_c   116.418
_cell.angle_alpha   90.000
_cell.angle_beta   90.000
_cell.angle_gamma   90.000
#
_symmetry.space_group_name_H-M   'P 21 21 21'
#
loop_
_entity.id
_entity.type
_entity.pdbx_description
1 polymer 'Mucin-like protein'
2 non-polymer 1,2-ETHANEDIOL
3 non-polymer 'COPPER (II) ION'
4 non-polymer 'SULFATE ION'
5 non-polymer GLYCEROL
6 water water
#
_entity_poly.entity_id   1
_entity_poly.type   'polypeptide(L)'
_entity_poly.pdbx_seq_one_letter_code
;HGYIAKPEPSWKDKKTNDWVVEIEPQWKGGWDESKGDEGLLATFKELSAANNYKDVRSLMDGNPVYGEDCGFTDPKGKPV
APPTDGTATFSRGIVHAGPCEIWLDDKMVLQNDDCQSAYGDGTQETIAVFKPVDYSSCASGGCMLRFYWLALQRLDGKTV
WQAYKNCIPLTGPAGWSHPQFEK
;
_entity_poly.pdbx_strand_id   A,B
#
# COMPACT_ATOMS: atom_id res chain seq x y z
N HIS A 1 -1.33 12.39 -16.49
CA HIS A 1 -2.62 13.08 -16.28
C HIS A 1 -3.67 12.48 -17.23
N GLY A 2 -4.92 12.38 -16.77
CA GLY A 2 -6.03 11.95 -17.61
C GLY A 2 -6.90 10.89 -16.92
N TYR A 3 -8.06 10.63 -17.54
CA TYR A 3 -9.03 9.68 -17.03
C TYR A 3 -9.74 9.08 -18.24
N ILE A 4 -10.36 7.91 -18.05
CA ILE A 4 -11.19 7.32 -19.06
C ILE A 4 -12.41 8.23 -19.18
N ALA A 5 -12.64 8.74 -20.39
CA ALA A 5 -13.73 9.66 -20.68
C ALA A 5 -14.90 8.97 -21.35
N LYS A 6 -14.64 7.87 -22.07
CA LYS A 6 -15.70 7.04 -22.63
C LYS A 6 -15.34 5.60 -22.40
N PRO A 7 -16.15 4.86 -21.59
CA PRO A 7 -17.39 5.38 -21.02
C PRO A 7 -17.19 6.47 -19.97
N GLU A 8 -18.30 7.19 -19.68
CA GLU A 8 -18.24 8.44 -18.94
C GLU A 8 -18.21 8.20 -17.44
N PRO A 9 -17.18 8.69 -16.73
CA PRO A 9 -17.13 8.55 -15.27
C PRO A 9 -17.97 9.60 -14.54
N SER A 10 -18.33 9.31 -13.30
CA SER A 10 -18.85 10.29 -12.35
C SER A 10 -17.79 10.58 -11.29
N TRP A 11 -17.93 11.69 -10.59
CA TRP A 11 -16.91 12.19 -9.69
C TRP A 11 -17.46 12.33 -8.27
N LYS A 12 -16.63 11.97 -7.27
CA LYS A 12 -16.94 12.19 -5.88
C LYS A 12 -17.21 13.68 -5.64
N ASP A 13 -16.42 14.55 -6.25
CA ASP A 13 -16.60 15.99 -6.17
C ASP A 13 -16.69 16.56 -7.58
N LYS A 14 -15.53 16.90 -8.19
CA LYS A 14 -15.46 17.52 -9.50
C LYS A 14 -14.50 16.74 -10.40
N LYS A 15 -14.70 16.83 -11.70
CA LYS A 15 -13.87 16.20 -12.70
C LYS A 15 -12.42 16.64 -12.46
N THR A 16 -11.47 15.69 -12.49
CA THR A 16 -10.06 16.04 -12.36
C THR A 16 -9.23 15.02 -13.12
N ASN A 17 -8.16 15.49 -13.73
CA ASN A 17 -7.22 14.65 -14.46
C ASN A 17 -6.08 14.16 -13.54
N ASP A 18 -6.10 14.54 -12.25
N ASP A 18 -6.17 14.47 -12.24
CA ASP A 18 -4.92 14.38 -11.41
CA ASP A 18 -5.02 14.34 -11.34
C ASP A 18 -4.75 12.94 -10.95
C ASP A 18 -4.77 12.89 -10.92
N TRP A 19 -3.51 12.65 -10.55
CA TRP A 19 -3.13 11.40 -9.94
C TRP A 19 -3.68 11.28 -8.53
N VAL A 20 -3.87 10.03 -8.11
CA VAL A 20 -4.36 9.72 -6.78
C VAL A 20 -3.24 9.90 -5.76
N VAL A 21 -2.06 9.33 -6.04
CA VAL A 21 -0.87 9.57 -5.22
C VAL A 21 0.36 9.75 -6.11
N GLU A 22 1.40 10.39 -5.56
CA GLU A 22 2.71 10.44 -6.17
C GLU A 22 3.70 10.05 -5.09
N ILE A 23 4.46 8.99 -5.35
CA ILE A 23 5.28 8.36 -4.33
C ILE A 23 6.66 8.07 -4.87
N GLU A 24 7.61 7.81 -3.97
CA GLU A 24 8.88 7.34 -4.46
C GLU A 24 8.70 5.93 -5.02
N PRO A 25 9.57 5.50 -5.93
CA PRO A 25 9.46 4.14 -6.47
C PRO A 25 9.50 3.15 -5.31
N GLN A 26 8.60 2.17 -5.35
CA GLN A 26 8.40 1.30 -4.21
C GLN A 26 9.39 0.15 -4.22
N TRP A 27 10.15 0.04 -5.32
CA TRP A 27 11.26 -0.90 -5.46
C TRP A 27 12.56 -0.12 -5.59
N LYS A 28 13.49 -0.43 -4.71
CA LYS A 28 14.79 0.20 -4.72
C LYS A 28 15.48 -0.13 -6.05
N GLY A 29 16.11 0.86 -6.69
CA GLY A 29 16.74 0.60 -7.98
C GLY A 29 17.47 1.80 -8.55
N GLY A 30 17.99 1.63 -9.77
CA GLY A 30 18.75 2.67 -10.46
C GLY A 30 17.86 3.54 -11.35
N TRP A 31 16.73 3.96 -10.80
CA TRP A 31 15.76 4.75 -11.55
C TRP A 31 16.40 6.02 -12.09
N ASP A 32 17.11 6.73 -11.23
CA ASP A 32 17.60 8.07 -11.55
C ASP A 32 18.79 8.01 -12.49
N GLU A 33 19.45 6.85 -12.60
CA GLU A 33 20.67 6.69 -13.40
C GLU A 33 20.34 6.32 -14.85
N SER A 34 19.11 5.92 -15.14
CA SER A 34 18.78 5.47 -16.49
C SER A 34 18.39 6.68 -17.32
N LYS A 35 18.28 6.45 -18.63
CA LYS A 35 17.96 7.52 -19.56
C LYS A 35 16.61 7.27 -20.23
N GLY A 36 15.76 8.30 -20.15
CA GLY A 36 14.58 8.34 -20.97
C GLY A 36 13.50 7.42 -20.43
N ASP A 37 12.34 7.53 -21.06
CA ASP A 37 11.23 6.66 -20.76
C ASP A 37 11.60 5.19 -20.93
N GLU A 38 12.39 4.87 -21.98
CA GLU A 38 12.82 3.49 -22.20
C GLU A 38 13.63 2.96 -21.01
N GLY A 39 14.51 3.77 -20.43
CA GLY A 39 15.25 3.35 -19.24
C GLY A 39 14.31 3.12 -18.03
N LEU A 40 13.27 3.95 -17.87
CA LEU A 40 12.32 3.76 -16.78
C LEU A 40 11.60 2.43 -16.96
N LEU A 41 11.14 2.14 -18.18
CA LEU A 41 10.41 0.92 -18.44
C LEU A 41 11.29 -0.32 -18.30
N ALA A 42 12.58 -0.22 -18.67
CA ALA A 42 13.47 -1.37 -18.55
C ALA A 42 13.78 -1.65 -17.09
N THR A 43 13.93 -0.60 -16.29
CA THR A 43 14.12 -0.78 -14.86
C THR A 43 12.87 -1.44 -14.26
N PHE A 44 11.68 -0.91 -14.62
CA PHE A 44 10.44 -1.43 -14.08
C PHE A 44 10.32 -2.92 -14.43
N LYS A 45 10.63 -3.25 -15.69
CA LYS A 45 10.48 -4.64 -16.12
C LYS A 45 11.40 -5.53 -15.27
N GLU A 46 12.66 -5.12 -15.10
CA GLU A 46 13.62 -5.98 -14.39
C GLU A 46 13.26 -6.08 -12.91
N LEU A 47 12.90 -4.95 -12.29
CA LEU A 47 12.57 -4.97 -10.87
C LEU A 47 11.24 -5.65 -10.56
N SER A 48 10.32 -5.68 -11.53
CA SER A 48 9.07 -6.42 -11.46
C SER A 48 9.35 -7.86 -11.02
N ALA A 49 10.34 -8.46 -11.65
CA ALA A 49 10.61 -9.87 -11.44
C ALA A 49 11.30 -10.09 -10.10
N ALA A 50 11.90 -9.06 -9.54
CA ALA A 50 12.51 -9.13 -8.21
C ALA A 50 11.47 -8.96 -7.11
N ASN A 51 10.27 -8.48 -7.46
CA ASN A 51 9.37 -8.00 -6.42
C ASN A 51 8.01 -8.67 -6.55
N ASN A 52 7.95 -9.78 -7.27
CA ASN A 52 6.78 -10.63 -7.36
C ASN A 52 5.58 -9.91 -7.99
N TYR A 53 5.85 -9.07 -8.98
CA TYR A 53 4.79 -8.32 -9.63
C TYR A 53 3.94 -9.20 -10.54
N LYS A 54 2.63 -8.97 -10.53
CA LYS A 54 1.76 -9.64 -11.48
C LYS A 54 1.12 -8.61 -12.43
N ASP A 55 0.42 -7.62 -11.86
CA ASP A 55 -0.29 -6.62 -12.64
C ASP A 55 -0.53 -5.41 -11.76
N VAL A 56 -1.03 -4.31 -12.37
CA VAL A 56 -1.13 -3.06 -11.64
C VAL A 56 -2.21 -3.19 -10.56
N ARG A 57 -3.34 -3.83 -10.90
CA ARG A 57 -4.43 -3.95 -9.94
C ARG A 57 -3.95 -4.67 -8.68
N SER A 58 -3.18 -5.75 -8.87
CA SER A 58 -2.74 -6.59 -7.75
C SER A 58 -1.72 -5.83 -6.90
N LEU A 59 -0.94 -4.96 -7.57
CA LEU A 59 -0.02 -4.07 -6.86
C LEU A 59 -0.76 -3.07 -5.95
N MET A 60 -1.81 -2.46 -6.48
CA MET A 60 -2.47 -1.32 -5.88
C MET A 60 -3.58 -1.75 -4.90
N ASP A 61 -4.48 -2.62 -5.33
CA ASP A 61 -5.67 -2.93 -4.51
C ASP A 61 -5.23 -3.44 -3.14
N GLY A 62 -5.81 -2.86 -2.08
CA GLY A 62 -5.57 -3.36 -0.72
C GLY A 62 -4.29 -2.79 -0.11
N ASN A 63 -3.57 -1.94 -0.88
CA ASN A 63 -2.37 -1.31 -0.34
C ASN A 63 -2.61 0.19 -0.32
N PRO A 64 -2.86 0.76 0.88
CA PRO A 64 -3.11 2.20 1.02
C PRO A 64 -2.02 3.15 0.55
N VAL A 65 -0.80 2.65 0.35
CA VAL A 65 0.21 3.54 -0.20
C VAL A 65 -0.20 4.03 -1.58
N TYR A 66 -1.04 3.27 -2.29
CA TYR A 66 -1.51 3.72 -3.61
C TYR A 66 -2.80 4.51 -3.56
N GLY A 67 -3.25 4.89 -2.35
CA GLY A 67 -4.33 5.86 -2.18
C GLY A 67 -5.71 5.23 -2.29
N GLU A 68 -6.75 6.05 -2.29
CA GLU A 68 -8.10 5.53 -2.13
C GLU A 68 -8.53 4.75 -3.37
N ASP A 69 -9.39 3.77 -3.14
CA ASP A 69 -9.98 3.01 -4.24
C ASP A 69 -10.78 3.97 -5.11
N CYS A 70 -10.68 3.76 -6.44
CA CYS A 70 -11.43 4.50 -7.46
CA CYS A 70 -11.48 4.52 -7.41
C CYS A 70 -10.93 5.93 -7.61
N GLY A 71 -9.92 6.32 -6.83
CA GLY A 71 -9.40 7.67 -6.98
C GLY A 71 -10.51 8.70 -6.70
N PHE A 72 -10.63 9.67 -7.58
CA PHE A 72 -11.59 10.75 -7.47
C PHE A 72 -12.93 10.41 -8.15
N THR A 73 -13.00 9.26 -8.84
CA THR A 73 -14.22 8.83 -9.49
C THR A 73 -15.17 8.19 -8.47
N ASP A 74 -16.45 8.16 -8.83
CA ASP A 74 -17.48 7.70 -7.91
C ASP A 74 -18.06 6.39 -8.40
N PRO A 75 -17.80 5.25 -7.72
CA PRO A 75 -18.41 3.98 -8.09
C PRO A 75 -19.91 3.89 -7.88
N LYS A 76 -20.47 4.81 -7.05
CA LYS A 76 -21.92 4.97 -6.86
C LYS A 76 -22.48 6.03 -7.80
N GLY A 77 -21.74 6.35 -8.85
CA GLY A 77 -22.23 7.33 -9.78
C GLY A 77 -23.21 6.72 -10.77
N LYS A 78 -23.40 7.46 -11.85
CA LYS A 78 -24.43 7.13 -12.82
C LYS A 78 -23.97 5.99 -13.70
N PRO A 79 -24.69 4.85 -13.73
CA PRO A 79 -24.34 3.78 -14.66
C PRO A 79 -24.52 4.24 -16.09
N VAL A 80 -23.53 3.87 -16.92
CA VAL A 80 -23.48 4.29 -18.30
C VAL A 80 -23.35 3.08 -19.22
N ALA A 81 -23.76 3.27 -20.48
CA ALA A 81 -23.66 2.19 -21.43
C ALA A 81 -22.22 2.17 -21.94
N PRO A 82 -21.62 1.00 -22.11
CA PRO A 82 -20.32 0.92 -22.78
C PRO A 82 -20.34 1.28 -24.27
N PRO A 83 -19.22 1.81 -24.80
CA PRO A 83 -19.06 2.05 -26.23
C PRO A 83 -19.41 0.81 -27.03
N THR A 84 -19.87 0.99 -28.27
N THR A 84 -19.84 1.05 -28.27
CA THR A 84 -20.24 -0.14 -29.11
CA THR A 84 -20.29 0.01 -29.18
C THR A 84 -19.08 -0.53 -30.02
C THR A 84 -19.16 -0.41 -30.12
N ASP A 85 -18.02 0.27 -30.00
CA ASP A 85 -16.92 0.12 -30.95
C ASP A 85 -15.69 -0.63 -30.39
N GLY A 86 -15.82 -1.31 -29.26
CA GLY A 86 -14.74 -2.14 -28.77
C GLY A 86 -13.52 -1.29 -28.34
N THR A 87 -13.76 -0.06 -27.89
CA THR A 87 -12.67 0.79 -27.39
C THR A 87 -13.06 1.44 -26.07
N ALA A 88 -12.06 2.02 -25.38
CA ALA A 88 -12.30 3.05 -24.36
C ALA A 88 -11.48 4.23 -24.81
N THR A 89 -11.94 5.45 -24.51
CA THR A 89 -11.29 6.68 -24.90
C THR A 89 -10.82 7.43 -23.65
N PHE A 90 -9.59 7.92 -23.68
CA PHE A 90 -9.07 8.76 -22.60
C PHE A 90 -9.47 10.21 -22.79
N SER A 91 -9.26 11.02 -21.74
CA SER A 91 -9.68 12.41 -21.73
C SER A 91 -8.71 13.29 -22.52
N ARG A 92 -7.53 12.75 -22.78
CA ARG A 92 -6.44 13.48 -23.42
C ARG A 92 -5.48 12.45 -23.98
N GLY A 93 -4.33 12.91 -24.52
CA GLY A 93 -3.26 12.01 -24.88
C GLY A 93 -2.54 11.54 -23.63
N ILE A 94 -1.70 10.53 -23.77
CA ILE A 94 -0.96 9.97 -22.64
C ILE A 94 0.47 10.44 -22.76
N VAL A 95 0.97 11.14 -21.72
CA VAL A 95 2.28 11.75 -21.83
C VAL A 95 3.26 11.23 -20.77
N HIS A 96 2.91 10.18 -20.00
CA HIS A 96 3.87 9.49 -19.14
C HIS A 96 3.96 8.02 -19.49
N ALA A 97 5.13 7.44 -19.28
CA ALA A 97 5.36 6.02 -19.52
C ALA A 97 4.77 5.25 -18.34
N GLY A 98 4.48 3.98 -18.61
CA GLY A 98 4.24 2.99 -17.59
C GLY A 98 3.00 2.15 -17.89
N PRO A 99 2.82 1.08 -17.11
CA PRO A 99 1.78 0.08 -17.39
C PRO A 99 0.36 0.53 -17.06
N CYS A 100 -0.60 0.07 -17.86
CA CYS A 100 -1.99 0.33 -17.50
C CYS A 100 -2.83 -0.87 -17.88
N GLU A 101 -4.04 -0.88 -17.34
CA GLU A 101 -4.96 -1.99 -17.54
C GLU A 101 -6.38 -1.54 -17.27
N ILE A 102 -7.29 -2.23 -17.96
CA ILE A 102 -8.72 -2.07 -17.75
C ILE A 102 -9.31 -3.40 -17.31
N TRP A 103 -10.18 -3.36 -16.30
CA TRP A 103 -10.89 -4.52 -15.77
C TRP A 103 -12.38 -4.28 -15.85
N LEU A 104 -13.14 -5.35 -16.10
CA LEU A 104 -14.58 -5.39 -15.96
C LEU A 104 -14.91 -6.41 -14.89
N ASP A 105 -15.36 -5.92 -13.72
CA ASP A 105 -15.44 -6.70 -12.48
C ASP A 105 -14.08 -7.39 -12.26
N ASP A 106 -14.01 -8.73 -12.15
N ASP A 106 -14.08 -8.73 -12.26
CA ASP A 106 -12.74 -9.40 -11.87
CA ASP A 106 -12.94 -9.56 -11.91
C ASP A 106 -12.11 -9.97 -13.15
C ASP A 106 -12.12 -9.97 -13.13
N LYS A 107 -12.51 -9.47 -14.31
CA LYS A 107 -11.93 -9.90 -15.57
C LYS A 107 -11.03 -8.80 -16.14
N MET A 108 -9.76 -9.12 -16.42
CA MET A 108 -8.89 -8.13 -17.05
C MET A 108 -9.16 -8.13 -18.54
N VAL A 109 -9.59 -7.02 -19.11
CA VAL A 109 -9.92 -7.02 -20.53
C VAL A 109 -8.88 -6.31 -21.40
N LEU A 110 -7.96 -5.55 -20.79
CA LEU A 110 -6.86 -4.99 -21.55
C LEU A 110 -5.71 -4.67 -20.60
N GLN A 111 -4.49 -5.00 -21.02
CA GLN A 111 -3.29 -4.70 -20.25
C GLN A 111 -2.18 -4.36 -21.23
N ASN A 112 -1.34 -3.40 -20.86
CA ASN A 112 -0.17 -3.10 -21.66
C ASN A 112 0.93 -2.59 -20.74
N ASP A 113 2.18 -2.94 -21.07
CA ASP A 113 3.30 -2.52 -20.24
C ASP A 113 3.64 -1.02 -20.39
N ASP A 114 3.16 -0.39 -21.46
CA ASP A 114 3.44 1.02 -21.71
C ASP A 114 2.33 1.65 -22.53
N CYS A 115 1.38 2.21 -21.81
CA CYS A 115 0.16 2.72 -22.42
C CYS A 115 0.50 3.90 -23.32
N GLN A 116 1.54 4.65 -22.97
CA GLN A 116 2.01 5.78 -23.75
C GLN A 116 2.28 5.40 -25.20
N SER A 117 3.05 4.35 -25.43
CA SER A 117 3.44 3.97 -26.79
C SER A 117 2.33 3.18 -27.49
N ALA A 118 1.49 2.49 -26.72
CA ALA A 118 0.51 1.63 -27.35
C ALA A 118 -0.72 2.43 -27.78
N TYR A 119 -1.14 3.47 -27.04
CA TYR A 119 -2.52 3.98 -27.23
C TYR A 119 -2.55 5.46 -27.62
N GLY A 120 -1.41 6.13 -27.54
CA GLY A 120 -1.37 7.49 -28.02
C GLY A 120 -0.06 7.80 -28.73
N ASP A 121 0.26 9.10 -28.84
CA ASP A 121 1.50 9.43 -29.52
C ASP A 121 2.48 10.19 -28.62
N GLY A 122 2.34 10.13 -27.30
CA GLY A 122 3.19 10.86 -26.37
C GLY A 122 2.83 12.34 -26.20
N THR A 123 1.81 12.87 -26.90
CA THR A 123 1.42 14.27 -26.76
C THR A 123 0.04 14.41 -26.14
N GLN A 124 -0.26 15.55 -25.49
CA GLN A 124 -1.53 15.72 -24.81
C GLN A 124 -2.65 15.87 -25.83
N GLU A 125 -2.31 16.34 -27.03
CA GLU A 125 -3.35 16.72 -27.99
C GLU A 125 -3.90 15.51 -28.78
N THR A 126 -3.18 14.41 -28.92
CA THR A 126 -3.67 13.22 -29.61
C THR A 126 -4.37 12.30 -28.59
N ILE A 127 -5.68 12.28 -28.67
CA ILE A 127 -6.49 11.55 -27.68
C ILE A 127 -6.14 10.07 -27.70
N ALA A 128 -5.83 9.51 -26.53
CA ALA A 128 -5.51 8.09 -26.46
C ALA A 128 -6.77 7.26 -26.56
N VAL A 129 -6.65 6.16 -27.30
CA VAL A 129 -7.74 5.22 -27.48
C VAL A 129 -7.21 3.85 -27.10
N PHE A 130 -7.87 3.23 -26.12
CA PHE A 130 -7.55 1.89 -25.67
C PHE A 130 -8.31 0.90 -26.53
N LYS A 131 -7.61 -0.09 -27.08
CA LYS A 131 -8.27 -1.11 -27.88
C LYS A 131 -7.34 -2.31 -28.00
N PRO A 132 -7.86 -3.54 -28.19
CA PRO A 132 -9.30 -3.81 -28.23
C PRO A 132 -9.86 -4.02 -26.83
N VAL A 133 -11.10 -3.56 -26.64
CA VAL A 133 -11.81 -3.79 -25.38
C VAL A 133 -13.14 -4.48 -25.66
N ASP A 134 -13.33 -5.63 -25.03
CA ASP A 134 -14.55 -6.41 -25.16
C ASP A 134 -15.40 -6.21 -23.90
N TYR A 135 -16.57 -5.58 -24.05
CA TYR A 135 -17.49 -5.35 -22.95
C TYR A 135 -18.54 -6.44 -22.79
N SER A 136 -18.43 -7.54 -23.54
CA SER A 136 -19.54 -8.48 -23.59
C SER A 136 -19.68 -9.27 -22.30
N SER A 137 -18.65 -9.30 -21.43
CA SER A 137 -18.75 -10.01 -20.16
C SER A 137 -19.53 -9.25 -19.10
N CYS A 138 -19.94 -8.01 -19.38
N CYS A 138 -19.94 -8.02 -19.39
CA CYS A 138 -20.61 -7.21 -18.37
CA CYS A 138 -20.65 -7.23 -18.40
C CYS A 138 -21.90 -7.93 -17.97
C CYS A 138 -21.91 -7.97 -17.98
N ALA A 139 -22.05 -8.23 -16.68
CA ALA A 139 -23.23 -8.92 -16.18
C ALA A 139 -24.49 -8.14 -16.54
N SER A 140 -25.60 -8.84 -16.80
CA SER A 140 -26.86 -8.11 -16.90
C SER A 140 -27.13 -7.50 -15.53
N GLY A 141 -27.66 -6.30 -15.47
CA GLY A 141 -27.76 -5.66 -14.17
C GLY A 141 -26.49 -4.92 -13.74
N GLY A 142 -25.39 -5.02 -14.53
CA GLY A 142 -24.31 -4.05 -14.45
C GLY A 142 -22.96 -4.65 -14.06
N CYS A 143 -21.89 -3.95 -14.43
N CYS A 143 -21.88 -3.93 -14.40
CA CYS A 143 -20.54 -4.27 -13.96
CA CYS A 143 -20.56 -4.30 -13.91
C CYS A 143 -19.85 -2.99 -13.53
C CYS A 143 -19.70 -3.04 -13.81
N MET A 144 -18.63 -3.12 -13.03
CA MET A 144 -17.82 -1.96 -12.76
C MET A 144 -16.56 -2.04 -13.64
N LEU A 145 -16.34 -1.02 -14.46
CA LEU A 145 -15.06 -0.85 -15.15
C LEU A 145 -14.07 -0.22 -14.18
N ARG A 146 -12.85 -0.78 -14.12
CA ARG A 146 -11.78 -0.16 -13.35
C ARG A 146 -10.56 0.01 -14.25
N PHE A 147 -10.01 1.21 -14.20
CA PHE A 147 -8.80 1.56 -14.89
C PHE A 147 -7.69 1.77 -13.86
N TYR A 148 -6.51 1.22 -14.19
CA TYR A 148 -5.32 1.34 -13.34
C TYR A 148 -4.16 1.74 -14.24
N TRP A 149 -3.44 2.78 -13.81
CA TRP A 149 -2.23 3.21 -14.50
C TRP A 149 -1.14 3.61 -13.52
N LEU A 150 0.03 2.96 -13.61
CA LEU A 150 1.18 3.35 -12.83
C LEU A 150 2.11 4.13 -13.74
N ALA A 151 2.09 5.44 -13.58
CA ALA A 151 2.93 6.31 -14.36
C ALA A 151 4.31 6.40 -13.75
N LEU A 152 5.32 6.37 -14.62
CA LEU A 152 6.72 6.48 -14.24
C LEU A 152 7.28 7.73 -14.90
N GLN A 153 7.85 8.62 -14.07
CA GLN A 153 8.43 9.81 -14.65
C GLN A 153 9.56 10.35 -13.79
N ARG A 154 10.42 11.14 -14.44
CA ARG A 154 11.47 11.86 -13.74
C ARG A 154 11.05 13.33 -13.65
N LEU A 155 11.09 13.85 -12.43
CA LEU A 155 10.70 15.21 -12.18
C LEU A 155 11.95 15.93 -11.70
N ASP A 156 12.55 16.72 -12.60
CA ASP A 156 13.80 17.39 -12.30
C ASP A 156 14.83 16.38 -11.80
N GLY A 157 14.91 15.25 -12.49
CA GLY A 157 15.93 14.25 -12.20
C GLY A 157 15.56 13.22 -11.13
N LYS A 158 14.43 13.38 -10.44
CA LYS A 158 14.04 12.50 -9.34
C LYS A 158 12.86 11.68 -9.83
N THR A 159 13.03 10.34 -9.88
CA THR A 159 11.97 9.50 -10.41
C THR A 159 10.87 9.36 -9.35
N VAL A 160 9.63 9.47 -9.82
CA VAL A 160 8.46 9.18 -9.04
C VAL A 160 7.59 8.15 -9.74
N TRP A 161 6.73 7.54 -8.93
CA TRP A 161 5.60 6.73 -9.39
C TRP A 161 4.31 7.46 -9.08
N GLN A 162 3.38 7.45 -10.04
CA GLN A 162 2.09 8.04 -9.73
C GLN A 162 1.01 7.01 -10.00
N ALA A 163 -0.04 7.00 -9.16
CA ALA A 163 -1.16 6.09 -9.39
C ALA A 163 -2.35 6.86 -9.93
N TYR A 164 -2.90 6.35 -11.05
CA TYR A 164 -4.17 6.83 -11.57
C TYR A 164 -5.16 5.69 -11.55
N LYS A 165 -6.33 5.98 -11.02
CA LYS A 165 -7.38 4.99 -10.89
C LYS A 165 -8.71 5.63 -11.24
N ASN A 166 -9.51 4.89 -12.00
CA ASN A 166 -10.90 5.23 -12.20
C ASN A 166 -11.79 4.00 -11.98
N CYS A 167 -13.02 4.25 -11.50
N CYS A 167 -13.05 4.28 -11.60
CA CYS A 167 -14.08 3.27 -11.54
CA CYS A 167 -14.09 3.28 -11.47
C CYS A 167 -15.25 3.89 -12.30
C CYS A 167 -15.33 3.82 -12.17
N ILE A 168 -15.87 3.09 -13.16
CA ILE A 168 -17.01 3.57 -13.93
C ILE A 168 -18.07 2.48 -13.94
N PRO A 169 -19.26 2.73 -13.34
CA PRO A 169 -20.32 1.72 -13.37
C PRO A 169 -21.01 1.65 -14.74
N LEU A 170 -21.10 0.45 -15.29
CA LEU A 170 -21.70 0.20 -16.59
C LEU A 170 -23.04 -0.49 -16.45
N THR A 171 -23.93 -0.17 -17.39
CA THR A 171 -25.17 -0.89 -17.48
C THR A 171 -24.91 -2.23 -18.17
N GLY A 172 -25.77 -3.21 -17.86
CA GLY A 172 -25.65 -4.54 -18.41
C GLY A 172 -26.14 -4.62 -19.85
N PRO A 173 -25.41 -5.35 -20.73
CA PRO A 173 -25.95 -5.83 -22.01
C PRO A 173 -26.66 -7.20 -21.92
N HIS B 1 12.36 -8.84 18.75
CA HIS B 1 11.86 -9.98 17.95
C HIS B 1 10.44 -10.32 18.38
N GLY B 2 9.71 -10.94 17.48
CA GLY B 2 8.36 -11.39 17.78
C GLY B 2 7.38 -10.97 16.71
N TYR B 3 6.17 -11.55 16.77
CA TYR B 3 5.06 -11.23 15.89
C TYR B 3 3.75 -11.36 16.64
N ILE B 4 2.70 -10.71 16.14
CA ILE B 4 1.36 -10.92 16.67
C ILE B 4 0.91 -12.34 16.34
N ALA B 5 0.63 -13.11 17.40
CA ALA B 5 0.29 -14.52 17.31
C ALA B 5 -1.23 -14.74 17.38
N LYS B 6 -1.95 -13.86 18.10
CA LYS B 6 -3.41 -13.91 18.08
C LYS B 6 -3.92 -12.48 17.92
N PRO B 7 -4.68 -12.16 16.86
CA PRO B 7 -5.04 -13.13 15.83
C PRO B 7 -3.88 -13.64 14.99
N GLU B 8 -4.12 -14.77 14.29
CA GLU B 8 -3.07 -15.60 13.72
C GLU B 8 -2.72 -15.20 12.29
N PRO B 9 -1.48 -14.78 12.01
CA PRO B 9 -1.08 -14.42 10.65
C PRO B 9 -0.80 -15.66 9.80
N SER B 10 -0.85 -15.48 8.48
CA SER B 10 -0.27 -16.41 7.51
C SER B 10 1.06 -15.85 7.04
N TRP B 11 1.87 -16.72 6.42
CA TRP B 11 3.26 -16.43 6.14
C TRP B 11 3.55 -16.61 4.66
N LYS B 12 4.29 -15.67 4.08
CA LYS B 12 4.69 -15.82 2.68
C LYS B 12 5.46 -17.13 2.47
N ASP B 13 6.34 -17.47 3.42
CA ASP B 13 7.12 -18.71 3.39
C ASP B 13 6.81 -19.47 4.66
N LYS B 14 7.64 -19.28 5.70
CA LYS B 14 7.40 -19.89 6.99
C LYS B 14 7.39 -18.82 8.08
N LYS B 15 6.87 -19.22 9.23
CA LYS B 15 6.77 -18.36 10.39
C LYS B 15 8.18 -17.90 10.79
N THR B 16 8.37 -16.61 11.09
CA THR B 16 9.64 -16.10 11.62
C THR B 16 9.32 -14.93 12.55
N ASN B 17 10.14 -14.77 13.59
CA ASN B 17 9.99 -13.64 14.49
C ASN B 17 10.94 -12.50 14.12
N ASP B 18 11.58 -12.59 12.96
CA ASP B 18 12.60 -11.64 12.58
C ASP B 18 12.00 -10.30 12.14
N TRP B 19 12.86 -9.30 12.28
CA TRP B 19 12.65 -7.97 11.76
C TRP B 19 12.70 -7.99 10.24
N VAL B 20 12.01 -7.03 9.63
CA VAL B 20 11.98 -6.87 8.20
C VAL B 20 13.31 -6.28 7.74
N VAL B 21 13.79 -5.25 8.44
CA VAL B 21 15.06 -4.61 8.11
C VAL B 21 15.66 -4.19 9.43
N GLU B 22 16.97 -3.98 9.38
CA GLU B 22 17.73 -3.42 10.49
C GLU B 22 18.66 -2.40 9.85
N ILE B 23 18.48 -1.12 10.23
CA ILE B 23 19.04 0.00 9.49
C ILE B 23 19.63 0.99 10.47
N GLU B 24 20.50 1.85 9.96
CA GLU B 24 20.97 3.01 10.69
C GLU B 24 19.78 3.88 11.01
N PRO B 25 19.79 4.58 12.15
CA PRO B 25 18.76 5.59 12.42
C PRO B 25 18.65 6.58 11.26
N GLN B 26 17.40 6.78 10.84
CA GLN B 26 17.11 7.54 9.63
C GLN B 26 17.16 9.04 9.89
N TRP B 27 17.29 9.45 11.16
CA TRP B 27 17.46 10.85 11.55
C TRP B 27 18.79 11.01 12.25
N LYS B 28 19.59 11.95 11.78
CA LYS B 28 20.89 12.22 12.36
C LYS B 28 20.74 12.72 13.80
N GLY B 29 21.55 12.17 14.72
CA GLY B 29 21.52 12.60 16.10
C GLY B 29 22.54 11.85 16.98
N GLY B 30 22.36 12.00 18.29
CA GLY B 30 23.25 11.48 19.32
C GLY B 30 22.77 10.12 19.84
N TRP B 31 22.39 9.23 18.90
CA TRP B 31 21.88 7.93 19.24
C TRP B 31 22.89 7.11 20.07
N ASP B 32 24.16 7.17 19.68
CA ASP B 32 25.13 6.21 20.23
C ASP B 32 25.53 6.57 21.65
N GLU B 33 25.19 7.79 22.10
CA GLU B 33 25.54 8.28 23.43
C GLU B 33 24.79 7.51 24.52
N SER B 34 23.60 7.00 24.20
CA SER B 34 22.75 6.40 25.20
C SER B 34 23.18 5.01 25.60
N LYS B 35 23.26 4.81 26.91
CA LYS B 35 23.73 3.54 27.46
C LYS B 35 22.57 2.54 27.60
N GLY B 36 21.32 3.05 27.58
CA GLY B 36 20.13 2.29 27.89
C GLY B 36 18.90 2.76 27.10
N ASP B 37 17.76 2.13 27.35
CA ASP B 37 16.53 2.42 26.62
C ASP B 37 15.99 3.84 26.90
N GLU B 38 16.12 4.38 28.13
CA GLU B 38 15.57 5.69 28.43
C GLU B 38 16.16 6.77 27.50
N GLY B 39 17.48 6.75 27.35
CA GLY B 39 18.21 7.64 26.47
C GLY B 39 17.76 7.52 25.02
N LEU B 40 17.61 6.28 24.53
CA LEU B 40 17.19 6.08 23.16
C LEU B 40 15.79 6.66 22.93
N LEU B 41 14.88 6.40 23.87
CA LEU B 41 13.51 6.86 23.72
C LEU B 41 13.42 8.39 23.76
N ALA B 42 14.28 9.06 24.56
CA ALA B 42 14.35 10.51 24.62
C ALA B 42 14.88 11.10 23.32
N THR B 43 15.87 10.46 22.73
CA THR B 43 16.42 10.89 21.47
C THR B 43 15.35 10.76 20.38
N PHE B 44 14.65 9.62 20.40
CA PHE B 44 13.59 9.41 19.43
C PHE B 44 12.52 10.47 19.56
N LYS B 45 12.15 10.80 20.79
CA LYS B 45 11.07 11.74 21.00
C LYS B 45 11.46 13.11 20.42
N GLU B 46 12.68 13.59 20.70
CA GLU B 46 13.14 14.88 20.21
C GLU B 46 13.34 14.89 18.71
N LEU B 47 13.97 13.84 18.16
CA LEU B 47 14.31 13.86 16.77
C LEU B 47 13.08 13.61 15.91
N SER B 48 12.09 12.91 16.47
CA SER B 48 10.88 12.70 15.67
C SER B 48 10.17 14.04 15.44
N ALA B 49 10.16 14.96 16.42
CA ALA B 49 9.53 16.28 16.28
C ALA B 49 10.32 17.15 15.32
N ALA B 50 11.60 16.86 15.13
CA ALA B 50 12.40 17.56 14.14
C ALA B 50 12.12 17.04 12.72
N ASN B 51 11.41 15.91 12.57
CA ASN B 51 11.35 15.20 11.30
C ASN B 51 9.90 14.95 10.90
N ASN B 52 8.99 15.79 11.42
CA ASN B 52 7.57 15.80 11.08
C ASN B 52 6.92 14.44 11.33
N TYR B 53 7.31 13.75 12.40
CA TYR B 53 6.79 12.43 12.67
C TYR B 53 5.36 12.51 13.15
N LYS B 54 4.56 11.56 12.69
CA LYS B 54 3.22 11.38 13.17
C LYS B 54 3.09 10.08 13.94
N ASP B 55 3.34 8.96 13.23
CA ASP B 55 3.18 7.62 13.77
C ASP B 55 4.08 6.69 12.97
N VAL B 56 4.20 5.46 13.46
CA VAL B 56 5.15 4.51 12.85
C VAL B 56 4.68 4.15 11.46
N ARG B 57 3.37 3.98 11.31
CA ARG B 57 2.82 3.59 10.01
C ARG B 57 3.13 4.67 8.96
N SER B 58 2.97 5.96 9.30
CA SER B 58 3.19 7.04 8.36
C SER B 58 4.68 7.13 8.03
N LEU B 59 5.53 6.77 9.00
CA LEU B 59 6.96 6.76 8.78
C LEU B 59 7.38 5.67 7.79
N MET B 60 6.85 4.43 7.94
CA MET B 60 7.30 3.25 7.21
C MET B 60 6.62 3.11 5.85
N ASP B 61 5.30 3.34 5.81
CA ASP B 61 4.52 3.05 4.60
C ASP B 61 5.02 3.89 3.43
N GLY B 62 5.36 3.23 2.31
CA GLY B 62 5.74 3.98 1.13
C GLY B 62 7.23 4.28 1.05
N ASN B 63 8.00 3.96 2.10
CA ASN B 63 9.43 4.20 2.07
C ASN B 63 10.16 2.88 2.07
N PRO B 64 10.75 2.47 0.93
CA PRO B 64 11.37 1.15 0.84
C PRO B 64 12.55 0.87 1.78
N VAL B 65 13.12 1.89 2.44
N VAL B 65 13.08 1.88 2.44
CA VAL B 65 14.19 1.62 3.41
CA VAL B 65 14.17 1.66 3.38
C VAL B 65 13.65 0.71 4.52
C VAL B 65 13.67 0.88 4.62
N TYR B 66 12.35 0.80 4.80
CA TYR B 66 11.74 0.01 5.88
C TYR B 66 11.35 -1.40 5.45
N GLY B 67 11.68 -1.75 4.22
CA GLY B 67 11.47 -3.08 3.70
C GLY B 67 10.06 -3.29 3.16
N GLU B 68 9.78 -4.53 2.76
CA GLU B 68 8.53 -4.82 2.06
C GLU B 68 7.32 -4.59 2.98
N ASP B 69 6.19 -4.19 2.40
CA ASP B 69 4.93 -4.13 3.12
C ASP B 69 4.62 -5.49 3.72
N CYS B 70 4.02 -5.50 4.94
N CYS B 70 4.03 -5.52 4.92
CA CYS B 70 3.56 -6.70 5.60
CA CYS B 70 3.56 -6.75 5.56
C CYS B 70 4.70 -7.64 6.06
C CYS B 70 4.70 -7.60 6.13
N GLY B 71 5.97 -7.25 5.83
CA GLY B 71 7.07 -8.05 6.29
C GLY B 71 7.00 -9.48 5.69
N PHE B 72 7.14 -10.45 6.58
CA PHE B 72 7.11 -11.85 6.18
C PHE B 72 5.70 -12.44 6.19
N THR B 73 4.67 -11.68 6.63
CA THR B 73 3.31 -12.16 6.74
C THR B 73 2.64 -12.02 5.39
N ASP B 74 1.55 -12.77 5.18
CA ASP B 74 0.83 -12.78 3.91
C ASP B 74 -0.52 -12.06 4.02
N PRO B 75 -0.69 -10.88 3.40
CA PRO B 75 -1.96 -10.17 3.45
C PRO B 75 -3.06 -10.94 2.71
N LYS B 76 -2.68 -11.88 1.88
CA LYS B 76 -3.64 -12.58 1.03
C LYS B 76 -4.07 -13.90 1.64
N GLY B 77 -3.58 -14.19 2.85
CA GLY B 77 -3.96 -15.39 3.58
C GLY B 77 -5.44 -15.42 3.90
N LYS B 78 -5.93 -16.62 4.21
CA LYS B 78 -7.30 -16.80 4.62
C LYS B 78 -7.61 -15.98 5.88
N PRO B 79 -8.66 -15.13 5.89
CA PRO B 79 -8.95 -14.27 7.03
C PRO B 79 -9.37 -15.10 8.25
N VAL B 80 -8.99 -14.63 9.45
CA VAL B 80 -9.31 -15.30 10.70
C VAL B 80 -10.23 -14.41 11.54
N ALA B 81 -10.94 -15.04 12.47
CA ALA B 81 -11.79 -14.30 13.37
C ALA B 81 -10.92 -13.63 14.42
N PRO B 82 -11.14 -12.35 14.77
CA PRO B 82 -10.36 -11.77 15.86
C PRO B 82 -10.69 -12.34 17.23
N PRO B 83 -9.78 -12.22 18.21
CA PRO B 83 -10.06 -12.55 19.60
C PRO B 83 -11.34 -11.85 20.09
N THR B 84 -12.02 -12.44 21.09
N THR B 84 -12.00 -12.45 21.09
CA THR B 84 -13.29 -11.94 21.57
CA THR B 84 -13.28 -11.99 21.60
C THR B 84 -13.10 -11.23 22.91
C THR B 84 -13.10 -11.29 22.95
N ASP B 85 -11.85 -11.04 23.35
CA ASP B 85 -11.57 -10.52 24.70
C ASP B 85 -10.90 -9.14 24.70
N GLY B 86 -10.89 -8.44 23.56
CA GLY B 86 -10.42 -7.08 23.46
C GLY B 86 -8.90 -6.94 23.56
N THR B 87 -8.19 -7.99 23.11
CA THR B 87 -6.73 -8.03 23.11
C THR B 87 -6.16 -8.47 21.75
N ALA B 88 -4.84 -8.27 21.60
CA ALA B 88 -4.04 -9.07 20.69
C ALA B 88 -2.87 -9.59 21.51
N THR B 89 -2.36 -10.76 21.13
CA THR B 89 -1.31 -11.41 21.90
C THR B 89 -0.06 -11.52 21.02
N PHE B 90 1.10 -11.19 21.61
CA PHE B 90 2.37 -11.33 20.92
C PHE B 90 2.88 -12.77 21.04
N SER B 91 3.87 -13.11 20.23
CA SER B 91 4.41 -14.47 20.22
C SER B 91 5.35 -14.69 21.40
N ARG B 92 5.76 -13.61 22.07
CA ARG B 92 6.72 -13.66 23.17
C ARG B 92 6.62 -12.34 23.91
N GLY B 93 7.46 -12.11 24.91
CA GLY B 93 7.56 -10.82 25.57
C GLY B 93 8.24 -9.80 24.67
N ILE B 94 8.09 -8.52 25.00
CA ILE B 94 8.73 -7.44 24.25
C ILE B 94 9.98 -7.01 25.00
N VAL B 95 11.14 -7.15 24.34
CA VAL B 95 12.39 -6.95 25.02
C VAL B 95 13.23 -5.88 24.33
N HIS B 96 12.64 -5.11 23.40
CA HIS B 96 13.32 -3.93 22.89
C HIS B 96 12.42 -2.69 23.07
N ALA B 97 13.05 -1.54 23.26
CA ALA B 97 12.36 -0.26 23.35
C ALA B 97 11.91 0.19 21.96
N GLY B 98 10.87 1.01 21.97
CA GLY B 98 10.44 1.72 20.76
C GLY B 98 8.94 1.67 20.59
N PRO B 99 8.42 2.55 19.71
CA PRO B 99 7.00 2.71 19.54
C PRO B 99 6.37 1.59 18.73
N CYS B 100 5.13 1.28 19.07
CA CYS B 100 4.39 0.32 18.25
C CYS B 100 2.93 0.74 18.15
N GLU B 101 2.21 0.11 17.22
CA GLU B 101 0.83 0.48 16.98
C GLU B 101 0.14 -0.63 16.18
N ILE B 102 -1.17 -0.69 16.36
CA ILE B 102 -2.03 -1.64 15.66
C ILE B 102 -3.06 -0.80 14.93
N TRP B 103 -3.26 -1.15 13.67
CA TRP B 103 -4.26 -0.56 12.83
C TRP B 103 -5.25 -1.61 12.34
N LEU B 104 -6.55 -1.20 12.24
CA LEU B 104 -7.57 -1.96 11.54
C LEU B 104 -8.06 -1.12 10.36
N ASP B 105 -7.71 -1.56 9.17
CA ASP B 105 -7.75 -0.71 7.98
C ASP B 105 -7.09 0.62 8.28
N ASP B 106 -7.80 1.75 8.06
CA ASP B 106 -7.24 3.07 8.24
C ASP B 106 -7.49 3.63 9.64
N LYS B 107 -7.89 2.82 10.61
CA LYS B 107 -8.13 3.28 11.96
C LYS B 107 -7.05 2.77 12.91
N MET B 108 -6.35 3.68 13.60
CA MET B 108 -5.37 3.22 14.56
C MET B 108 -6.10 2.89 15.86
N VAL B 109 -6.00 1.64 16.31
CA VAL B 109 -6.76 1.16 17.44
C VAL B 109 -5.89 1.01 18.70
N LEU B 110 -4.57 0.98 18.55
CA LEU B 110 -3.68 0.93 19.69
C LEU B 110 -2.38 1.63 19.30
N GLN B 111 -1.78 2.36 20.23
CA GLN B 111 -0.53 3.05 19.97
C GLN B 111 0.16 3.25 21.30
N ASN B 112 1.47 3.08 21.31
CA ASN B 112 2.25 3.46 22.48
C ASN B 112 3.65 3.86 22.04
N ASP B 113 4.23 4.84 22.75
CA ASP B 113 5.57 5.30 22.42
C ASP B 113 6.63 4.32 22.88
N ASP B 114 6.29 3.40 23.80
CA ASP B 114 7.25 2.41 24.28
C ASP B 114 6.56 1.11 24.63
N CYS B 115 6.40 0.24 23.63
N CYS B 115 6.34 0.23 23.65
CA CYS B 115 5.55 -0.92 23.79
CA CYS B 115 5.46 -0.89 23.92
C CYS B 115 6.12 -1.87 24.85
C CYS B 115 6.11 -1.85 24.92
N GLN B 116 7.46 -1.87 24.98
CA GLN B 116 8.15 -2.70 25.97
C GLN B 116 7.62 -2.48 27.40
N SER B 117 7.43 -1.22 27.76
CA SER B 117 7.06 -0.84 29.10
C SER B 117 5.54 -0.89 29.27
N ALA B 118 4.78 -0.91 28.18
CA ALA B 118 3.33 -0.86 28.30
C ALA B 118 2.69 -2.25 28.38
N TYR B 119 3.21 -3.23 27.64
CA TYR B 119 2.48 -4.47 27.37
C TYR B 119 3.20 -5.73 27.84
N GLY B 120 4.45 -5.64 28.26
CA GLY B 120 5.00 -6.77 28.97
C GLY B 120 5.82 -6.28 30.14
N ASP B 121 6.71 -7.17 30.61
CA ASP B 121 7.51 -6.89 31.78
C ASP B 121 8.97 -6.86 31.35
N GLY B 122 9.21 -6.81 30.04
CA GLY B 122 10.55 -6.58 29.52
C GLY B 122 11.37 -7.87 29.37
N THR B 123 10.82 -8.98 29.86
CA THR B 123 11.41 -10.29 29.68
C THR B 123 10.79 -10.99 28.50
N GLN B 124 11.57 -11.89 27.93
CA GLN B 124 11.14 -12.65 26.78
C GLN B 124 10.05 -13.64 27.17
N GLU B 125 10.06 -14.12 28.42
CA GLU B 125 9.27 -15.28 28.79
C GLU B 125 7.82 -14.87 29.10
N THR B 126 7.58 -13.65 29.58
CA THR B 126 6.23 -13.17 29.82
C THR B 126 5.61 -12.65 28.52
N ILE B 127 4.56 -13.32 28.06
CA ILE B 127 3.96 -13.05 26.77
C ILE B 127 3.31 -11.67 26.82
N ALA B 128 3.61 -10.82 25.82
CA ALA B 128 3.06 -9.47 25.82
C ALA B 128 1.62 -9.53 25.32
N VAL B 129 0.74 -8.80 26.00
CA VAL B 129 -0.66 -8.74 25.60
C VAL B 129 -0.98 -7.28 25.29
N PHE B 130 -1.45 -7.04 24.07
CA PHE B 130 -1.84 -5.72 23.66
C PHE B 130 -3.28 -5.45 24.06
N LYS B 131 -3.51 -4.36 24.80
CA LYS B 131 -4.88 -4.06 25.19
C LYS B 131 -5.02 -2.58 25.53
N PRO B 132 -6.21 -1.95 25.38
CA PRO B 132 -7.37 -2.59 24.77
C PRO B 132 -7.26 -2.54 23.25
N VAL B 133 -7.82 -3.54 22.58
CA VAL B 133 -7.95 -3.51 21.14
C VAL B 133 -9.42 -3.69 20.83
N ASP B 134 -10.03 -2.66 20.24
CA ASP B 134 -11.42 -2.70 19.83
C ASP B 134 -11.49 -3.13 18.36
N TYR B 135 -12.05 -4.32 18.11
CA TYR B 135 -12.17 -4.82 16.76
C TYR B 135 -13.51 -4.45 16.14
N SER B 136 -14.33 -3.66 16.85
CA SER B 136 -15.72 -3.48 16.42
C SER B 136 -15.81 -2.72 15.12
N SER B 137 -14.77 -1.99 14.71
CA SER B 137 -14.77 -1.23 13.46
C SER B 137 -14.50 -2.10 12.23
N CYS B 138 -14.19 -3.39 12.43
N CYS B 138 -14.14 -3.37 12.44
CA CYS B 138 -13.78 -4.25 11.33
CA CYS B 138 -13.80 -4.24 11.32
C CYS B 138 -14.96 -4.44 10.39
C CYS B 138 -15.02 -4.31 10.41
N ALA B 139 -14.82 -3.95 9.15
CA ALA B 139 -15.91 -3.91 8.19
C ALA B 139 -16.46 -5.33 8.02
N SER B 140 -17.80 -5.43 7.92
CA SER B 140 -18.37 -6.71 7.58
C SER B 140 -17.82 -7.06 6.21
N GLY B 141 -17.45 -8.31 5.99
CA GLY B 141 -16.72 -8.65 4.77
C GLY B 141 -15.20 -8.66 4.99
N GLY B 142 -14.74 -7.93 6.00
CA GLY B 142 -13.42 -8.19 6.57
C GLY B 142 -12.53 -6.95 6.59
N CYS B 143 -11.46 -7.00 7.41
N CYS B 143 -11.39 -7.13 7.26
CA CYS B 143 -10.51 -5.91 7.48
CA CYS B 143 -10.52 -6.04 7.65
C CYS B 143 -9.12 -6.46 7.77
C CYS B 143 -9.09 -6.53 7.52
N MET B 144 -8.13 -5.59 7.54
CA MET B 144 -6.72 -5.95 7.61
C MET B 144 -6.17 -5.34 8.90
N LEU B 145 -5.71 -6.17 9.81
CA LEU B 145 -4.95 -5.67 10.95
C LEU B 145 -3.51 -5.49 10.49
N ARG B 146 -2.93 -4.35 10.86
CA ARG B 146 -1.52 -4.12 10.61
C ARG B 146 -0.85 -3.74 11.92
N PHE B 147 0.27 -4.38 12.19
CA PHE B 147 1.10 -4.11 13.35
C PHE B 147 2.38 -3.49 12.82
N TYR B 148 2.81 -2.42 13.47
CA TYR B 148 4.08 -1.77 13.18
C TYR B 148 4.82 -1.55 14.49
N TRP B 149 6.11 -1.88 14.49
CA TRP B 149 6.98 -1.71 15.65
C TRP B 149 8.36 -1.28 15.17
N LEU B 150 8.82 -0.15 15.72
CA LEU B 150 10.15 0.35 15.43
C LEU B 150 10.99 0.17 16.69
N ALA B 151 11.81 -0.87 16.71
CA ALA B 151 12.64 -1.22 17.86
C ALA B 151 13.93 -0.40 17.77
N LEU B 152 14.31 0.18 18.91
CA LEU B 152 15.51 0.96 19.03
C LEU B 152 16.46 0.19 19.95
N GLN B 153 17.67 -0.05 19.47
CA GLN B 153 18.65 -0.80 20.27
C GLN B 153 20.06 -0.30 20.04
N ARG B 154 20.89 -0.29 21.11
CA ARG B 154 22.29 0.03 20.96
C ARG B 154 23.03 -1.31 21.06
N LEU B 155 23.68 -1.71 19.97
CA LEU B 155 24.30 -3.02 19.81
C LEU B 155 25.81 -2.83 19.86
N ASP B 156 26.37 -3.12 21.03
CA ASP B 156 27.76 -2.84 21.34
C ASP B 156 28.16 -1.44 20.88
N GLY B 157 27.40 -0.45 21.33
CA GLY B 157 27.83 0.93 21.15
C GLY B 157 27.28 1.57 19.88
N LYS B 158 26.65 0.77 19.00
CA LYS B 158 26.15 1.30 17.74
C LYS B 158 24.64 1.10 17.64
N THR B 159 23.90 2.21 17.49
CA THR B 159 22.45 2.16 17.57
C THR B 159 21.91 1.74 16.21
N VAL B 160 20.86 0.92 16.24
CA VAL B 160 20.14 0.54 15.03
C VAL B 160 18.67 0.72 15.28
N TRP B 161 17.94 0.81 14.16
CA TRP B 161 16.50 0.72 14.15
C TRP B 161 16.13 -0.61 13.52
N GLN B 162 15.14 -1.32 14.07
CA GLN B 162 14.61 -2.48 13.38
C GLN B 162 13.13 -2.27 13.10
N ALA B 163 12.67 -2.63 11.90
CA ALA B 163 11.27 -2.52 11.57
C ALA B 163 10.64 -3.90 11.63
N TYR B 164 9.56 -4.02 12.41
CA TYR B 164 8.72 -5.20 12.48
C TYR B 164 7.34 -4.81 11.97
N LYS B 165 6.83 -5.63 11.05
CA LYS B 165 5.55 -5.41 10.44
C LYS B 165 4.82 -6.72 10.24
N ASN B 166 3.54 -6.72 10.65
CA ASN B 166 2.65 -7.83 10.34
C ASN B 166 1.37 -7.31 9.70
N CYS B 167 0.84 -8.08 8.73
N CYS B 167 0.81 -8.11 8.79
CA CYS B 167 -0.52 -7.89 8.22
CA CYS B 167 -0.52 -7.88 8.25
C CYS B 167 -1.31 -9.17 8.46
C CYS B 167 -1.34 -9.16 8.42
N ILE B 168 -2.54 -9.02 8.98
CA ILE B 168 -3.33 -10.15 9.44
C ILE B 168 -4.76 -9.90 9.01
N PRO B 169 -5.24 -10.61 7.99
CA PRO B 169 -6.61 -10.41 7.55
C PRO B 169 -7.57 -11.02 8.55
N LEU B 170 -8.63 -10.26 8.83
CA LEU B 170 -9.63 -10.63 9.81
C LEU B 170 -10.98 -10.78 9.11
N THR B 171 -11.86 -11.63 9.64
CA THR B 171 -13.24 -11.61 9.18
C THR B 171 -13.99 -10.50 9.93
N GLY B 172 -15.07 -9.98 9.34
CA GLY B 172 -15.88 -8.94 9.99
C GLY B 172 -16.48 -9.43 11.32
N PRO B 173 -16.79 -8.54 12.31
CA PRO B 173 -17.06 -8.97 13.69
C PRO B 173 -18.53 -9.33 13.96
#